data_6VLA
#
_entry.id   6VLA
#
_entity_poly.entity_id   1
_entity_poly.type   'polypeptide(L)'
_entity_poly.pdbx_seq_one_letter_code
;LMGLFNRIIRKVVKLFN
;
_entity_poly.pdbx_strand_id   A
#
# COMPACT_ATOMS: atom_id res chain seq x y z
N LEU A 1 -4.45 -9.77 -9.66
CA LEU A 1 -5.04 -8.41 -9.69
C LEU A 1 -4.97 -7.81 -8.29
N MET A 2 -5.33 -6.52 -8.21
CA MET A 2 -5.29 -5.76 -6.95
C MET A 2 -3.86 -5.51 -6.47
N GLY A 3 -2.88 -5.89 -7.31
CA GLY A 3 -1.49 -5.70 -6.96
C GLY A 3 -1.15 -4.23 -6.79
N LEU A 4 -1.82 -3.40 -7.59
CA LEU A 4 -1.68 -1.95 -7.49
C LEU A 4 -1.98 -1.53 -6.07
N PHE A 5 -3.16 -1.94 -5.63
CA PHE A 5 -3.72 -1.53 -4.37
C PHE A 5 -2.92 -2.13 -3.21
N ASN A 6 -2.55 -3.40 -3.33
CA ASN A 6 -1.75 -4.06 -2.29
C ASN A 6 -0.44 -3.32 -2.09
N ARG A 7 0.11 -2.83 -3.19
CA ARG A 7 1.35 -2.09 -3.13
C ARG A 7 1.12 -0.75 -2.43
N ILE A 8 -0.05 -0.16 -2.70
CA ILE A 8 -0.44 1.09 -2.05
C ILE A 8 -0.61 0.89 -0.55
N ILE A 9 -1.10 -0.28 -0.17
CA ILE A 9 -1.29 -0.60 1.25
C ILE A 9 0.03 -0.47 2.02
N ARG A 10 1.12 -0.86 1.37
CA ARG A 10 2.44 -0.77 1.98
C ARG A 10 3.01 0.63 1.82
N LYS A 11 2.59 1.31 0.77
CA LYS A 11 3.03 2.69 0.55
C LYS A 11 2.37 3.61 1.56
N VAL A 12 1.14 3.28 1.92
CA VAL A 12 0.42 4.02 2.94
C VAL A 12 0.87 3.56 4.32
N VAL A 13 1.34 2.33 4.43
CA VAL A 13 1.79 1.81 5.69
C VAL A 13 3.05 2.53 6.10
N LYS A 14 3.72 3.06 5.09
CA LYS A 14 4.89 3.89 5.26
C LYS A 14 4.53 5.21 5.93
N LEU A 15 3.36 5.76 5.62
CA LEU A 15 2.92 7.00 6.24
C LEU A 15 2.11 6.69 7.50
N PHE A 16 1.64 5.45 7.60
CA PHE A 16 0.90 4.99 8.75
C PHE A 16 1.85 4.76 9.92
N ASN A 17 2.99 4.14 9.62
CA ASN A 17 4.00 3.88 10.62
C ASN A 17 5.00 5.02 10.69
N LEU A 1 -7.35 -5.04 -10.49
CA LEU A 1 -6.44 -6.04 -9.89
C LEU A 1 -5.85 -5.50 -8.60
N MET A 2 -5.64 -6.38 -7.62
CA MET A 2 -5.19 -5.96 -6.30
C MET A 2 -3.69 -5.70 -6.27
N GLY A 3 -3.02 -6.03 -7.37
CA GLY A 3 -1.59 -5.79 -7.47
C GLY A 3 -1.22 -4.33 -7.29
N LEU A 4 -2.12 -3.45 -7.70
CA LEU A 4 -1.92 -2.01 -7.52
C LEU A 4 -2.19 -1.66 -6.08
N PHE A 5 -3.36 -2.11 -5.63
CA PHE A 5 -3.91 -1.78 -4.34
C PHE A 5 -2.99 -2.23 -3.21
N ASN A 6 -2.51 -3.48 -3.28
CA ASN A 6 -1.61 -4.02 -2.28
C ASN A 6 -0.35 -3.19 -2.17
N ARG A 7 0.11 -2.68 -3.31
CA ARG A 7 1.32 -1.90 -3.35
C ARG A 7 1.08 -0.56 -2.67
N ILE A 8 -0.14 -0.05 -2.83
CA ILE A 8 -0.55 1.19 -2.18
C ILE A 8 -0.66 0.97 -0.66
N ILE A 9 -1.11 -0.22 -0.26
CA ILE A 9 -1.26 -0.52 1.15
C ILE A 9 0.06 -0.33 1.88
N ARG A 10 1.09 -0.95 1.34
CA ARG A 10 2.42 -0.89 1.92
C ARG A 10 3.04 0.49 1.71
N LYS A 11 2.63 1.16 0.64
CA LYS A 11 3.10 2.51 0.36
C LYS A 11 2.57 3.46 1.43
N VAL A 12 1.29 3.30 1.74
CA VAL A 12 0.63 4.11 2.76
C VAL A 12 1.06 3.69 4.15
N VAL A 13 1.49 2.45 4.31
CA VAL A 13 1.82 1.91 5.61
C VAL A 13 3.05 2.63 6.14
N LYS A 14 3.80 3.18 5.20
CA LYS A 14 4.96 3.96 5.48
C LYS A 14 4.59 5.27 6.16
N LEU A 15 3.45 5.85 5.80
CA LEU A 15 2.99 7.05 6.46
C LEU A 15 2.10 6.67 7.66
N PHE A 16 1.58 5.44 7.61
CA PHE A 16 0.73 4.92 8.66
C PHE A 16 1.54 4.66 9.93
N ASN A 17 2.66 3.98 9.76
CA ASN A 17 3.52 3.65 10.89
C ASN A 17 4.18 4.90 11.43
N LEU A 1 -2.57 -10.47 -8.46
CA LEU A 1 -3.80 -9.67 -8.64
C LEU A 1 -3.85 -8.55 -7.61
N MET A 2 -4.47 -7.43 -7.99
CA MET A 2 -4.58 -6.26 -7.10
C MET A 2 -3.20 -5.71 -6.76
N GLY A 3 -2.30 -5.75 -7.75
CA GLY A 3 -0.94 -5.30 -7.54
C GLY A 3 -0.84 -3.84 -7.22
N LEU A 4 -1.83 -3.08 -7.68
CA LEU A 4 -1.92 -1.65 -7.38
C LEU A 4 -2.23 -1.48 -5.91
N PHE A 5 -3.43 -1.96 -5.58
CA PHE A 5 -3.97 -1.97 -4.23
C PHE A 5 -2.94 -2.39 -3.20
N ASN A 6 -2.51 -3.64 -3.28
CA ASN A 6 -1.54 -4.19 -2.34
C ASN A 6 -0.31 -3.29 -2.18
N ARG A 7 0.17 -2.76 -3.30
CA ARG A 7 1.36 -1.96 -3.29
C ARG A 7 1.09 -0.63 -2.59
N ILE A 8 -0.11 -0.10 -2.81
CA ILE A 8 -0.52 1.15 -2.16
C ILE A 8 -0.66 0.95 -0.66
N ILE A 9 -1.16 -0.22 -0.27
CA ILE A 9 -1.38 -0.52 1.15
C ILE A 9 -0.08 -0.34 1.92
N ARG A 10 1.00 -0.89 1.40
CA ARG A 10 2.30 -0.80 2.04
C ARG A 10 2.99 0.52 1.74
N LYS A 11 2.54 1.21 0.70
CA LYS A 11 3.07 2.54 0.41
C LYS A 11 2.51 3.54 1.43
N VAL A 12 1.25 3.34 1.79
CA VAL A 12 0.59 4.18 2.77
C VAL A 12 0.96 3.75 4.18
N VAL A 13 1.32 2.48 4.34
CA VAL A 13 1.67 1.95 5.66
C VAL A 13 2.96 2.60 6.12
N LYS A 14 3.68 3.11 5.14
CA LYS A 14 4.88 3.88 5.36
C LYS A 14 4.58 5.17 6.10
N LEU A 15 3.47 5.82 5.74
CA LEU A 15 3.09 7.06 6.41
C LEU A 15 2.27 6.74 7.65
N PHE A 16 1.72 5.53 7.68
CA PHE A 16 0.93 5.07 8.82
C PHE A 16 1.85 4.74 9.99
N ASN A 17 2.90 3.99 9.71
CA ASN A 17 3.83 3.56 10.76
C ASN A 17 4.85 4.65 11.05
N LEU A 1 -4.46 -8.15 -10.34
CA LEU A 1 -5.23 -8.71 -9.21
C LEU A 1 -4.78 -8.10 -7.89
N MET A 2 -5.34 -6.93 -7.58
CA MET A 2 -5.10 -6.17 -6.34
C MET A 2 -3.62 -5.92 -6.06
N GLY A 3 -2.77 -6.13 -7.06
CA GLY A 3 -1.35 -5.89 -6.89
C GLY A 3 -1.06 -4.40 -6.81
N LEU A 4 -1.85 -3.64 -7.54
CA LEU A 4 -1.77 -2.17 -7.50
C LEU A 4 -2.08 -1.72 -6.09
N PHE A 5 -3.17 -2.25 -5.58
CA PHE A 5 -3.75 -1.85 -4.32
C PHE A 5 -2.84 -2.21 -3.16
N ASN A 6 -2.35 -3.44 -3.15
CA ASN A 6 -1.45 -3.90 -2.09
C ASN A 6 -0.23 -3.00 -2.01
N ARG A 7 0.26 -2.59 -3.17
CA ARG A 7 1.43 -1.73 -3.24
C ARG A 7 1.10 -0.37 -2.63
N ILE A 8 -0.15 0.06 -2.80
CA ILE A 8 -0.62 1.29 -2.17
C ILE A 8 -0.72 1.10 -0.65
N ILE A 9 -1.17 -0.08 -0.23
CA ILE A 9 -1.35 -0.37 1.19
C ILE A 9 -0.04 -0.18 1.92
N ARG A 10 1.03 -0.68 1.31
CA ARG A 10 2.35 -0.58 1.89
C ARG A 10 2.98 0.77 1.64
N LYS A 11 2.53 1.46 0.60
CA LYS A 11 3.02 2.80 0.33
C LYS A 11 2.46 3.75 1.39
N VAL A 12 1.22 3.50 1.78
CA VAL A 12 0.57 4.27 2.82
C VAL A 12 0.97 3.76 4.20
N VAL A 13 1.33 2.49 4.29
CA VAL A 13 1.68 1.88 5.56
C VAL A 13 2.99 2.50 6.05
N LYS A 14 3.71 3.05 5.10
CA LYS A 14 4.92 3.79 5.35
C LYS A 14 4.62 5.09 6.10
N LEU A 15 3.50 5.72 5.79
CA LEU A 15 3.11 6.94 6.48
C LEU A 15 2.24 6.62 7.68
N PHE A 16 1.74 5.38 7.70
CA PHE A 16 0.90 4.92 8.79
C PHE A 16 1.76 4.39 9.94
N ASN A 17 2.78 3.63 9.60
CA ASN A 17 3.73 3.13 10.60
C ASN A 17 4.98 4.00 10.58
N LEU A 1 -5.48 -7.17 -10.96
CA LEU A 1 -6.08 -5.82 -10.94
C LEU A 1 -5.71 -5.08 -9.66
N MET A 2 -5.81 -5.76 -8.53
CA MET A 2 -5.55 -5.15 -7.23
C MET A 2 -4.06 -5.08 -6.92
N GLY A 3 -3.23 -5.49 -7.88
CA GLY A 3 -1.78 -5.42 -7.71
C GLY A 3 -1.31 -4.02 -7.38
N LEU A 4 -2.06 -3.02 -7.85
CA LEU A 4 -1.79 -1.63 -7.52
C LEU A 4 -2.00 -1.43 -6.03
N PHE A 5 -3.20 -1.79 -5.61
CA PHE A 5 -3.69 -1.49 -4.28
C PHE A 5 -2.94 -2.27 -3.23
N ASN A 6 -2.59 -3.53 -3.54
CA ASN A 6 -1.77 -4.35 -2.65
C ASN A 6 -0.46 -3.63 -2.33
N ARG A 7 0.08 -2.99 -3.35
CA ARG A 7 1.32 -2.26 -3.21
C ARG A 7 1.07 -0.96 -2.47
N ILE A 8 -0.11 -0.37 -2.68
CA ILE A 8 -0.51 0.85 -2.01
C ILE A 8 -0.61 0.63 -0.50
N ILE A 9 -1.04 -0.56 -0.09
CA ILE A 9 -1.18 -0.89 1.33
C ILE A 9 0.12 -0.62 2.05
N ARG A 10 1.20 -1.14 1.50
CA ARG A 10 2.50 -1.00 2.10
C ARG A 10 3.04 0.41 1.91
N LYS A 11 2.60 1.06 0.84
CA LYS A 11 3.02 2.43 0.56
C LYS A 11 2.41 3.36 1.60
N VAL A 12 1.16 3.09 1.93
CA VAL A 12 0.46 3.87 2.93
C VAL A 12 0.93 3.51 4.34
N VAL A 13 1.42 2.29 4.51
CA VAL A 13 1.88 1.84 5.80
C VAL A 13 3.12 2.64 6.19
N LYS A 14 3.78 3.12 5.17
CA LYS A 14 4.92 3.98 5.32
C LYS A 14 4.53 5.32 5.95
N LEU A 15 3.35 5.83 5.60
CA LEU A 15 2.88 7.07 6.17
C LEU A 15 2.06 6.79 7.43
N PHE A 16 1.57 5.56 7.54
CA PHE A 16 0.80 5.13 8.70
C PHE A 16 1.73 4.93 9.89
N ASN A 17 2.91 4.42 9.60
CA ASN A 17 3.95 4.26 10.61
C ASN A 17 4.66 5.58 10.85
N LEU A 1 -8.42 -5.84 -9.38
CA LEU A 1 -7.16 -5.07 -9.48
C LEU A 1 -6.56 -4.88 -8.09
N MET A 2 -6.19 -5.99 -7.46
CA MET A 2 -5.66 -5.96 -6.10
C MET A 2 -4.15 -5.76 -6.11
N GLY A 3 -3.51 -6.15 -7.21
CA GLY A 3 -2.05 -6.08 -7.30
C GLY A 3 -1.51 -4.69 -7.07
N LEU A 4 -2.18 -3.70 -7.66
CA LEU A 4 -1.79 -2.30 -7.48
C LEU A 4 -2.03 -1.88 -6.05
N PHE A 5 -3.25 -2.15 -5.61
CA PHE A 5 -3.77 -1.65 -4.37
C PHE A 5 -2.97 -2.17 -3.18
N ASN A 6 -2.59 -3.45 -3.22
CA ASN A 6 -1.77 -4.04 -2.15
C ASN A 6 -0.47 -3.30 -2.01
N ARG A 7 0.11 -2.91 -3.14
CA ARG A 7 1.36 -2.20 -3.13
C ARG A 7 1.14 -0.80 -2.54
N ILE A 8 -0.02 -0.23 -2.81
CA ILE A 8 -0.40 1.07 -2.26
C ILE A 8 -0.56 0.97 -0.76
N ILE A 9 -1.08 -0.16 -0.29
CA ILE A 9 -1.27 -0.39 1.14
C ILE A 9 0.04 -0.22 1.89
N ARG A 10 1.10 -0.79 1.34
CA ARG A 10 2.41 -0.72 1.98
C ARG A 10 3.11 0.60 1.65
N LYS A 11 2.68 1.23 0.58
CA LYS A 11 3.19 2.55 0.23
C LYS A 11 2.66 3.58 1.22
N VAL A 12 1.41 3.39 1.63
CA VAL A 12 0.77 4.25 2.60
C VAL A 12 1.09 3.80 4.02
N VAL A 13 1.48 2.54 4.16
CA VAL A 13 1.76 1.97 5.47
C VAL A 13 3.02 2.63 6.02
N LYS A 14 3.76 3.22 5.10
CA LYS A 14 4.89 4.06 5.41
C LYS A 14 4.50 5.21 6.34
N LEU A 15 3.40 5.90 6.03
CA LEU A 15 2.94 7.00 6.84
C LEU A 15 2.08 6.48 8.00
N PHE A 16 1.63 5.24 7.84
CA PHE A 16 0.81 4.58 8.86
C PHE A 16 1.69 4.15 10.03
N ASN A 17 2.89 3.71 9.72
CA ASN A 17 3.83 3.27 10.75
C ASN A 17 4.76 4.41 11.15
N LEU A 1 -7.70 -6.60 -10.95
CA LEU A 1 -6.35 -5.99 -10.78
C LEU A 1 -6.25 -5.27 -9.44
N MET A 2 -5.93 -6.01 -8.40
CA MET A 2 -5.79 -5.40 -7.07
C MET A 2 -4.33 -5.30 -6.68
N GLY A 3 -3.44 -5.84 -7.53
CA GLY A 3 -2.02 -5.84 -7.23
C GLY A 3 -1.47 -4.45 -7.00
N LEU A 4 -2.03 -3.48 -7.72
CA LEU A 4 -1.67 -2.07 -7.56
C LEU A 4 -1.91 -1.67 -6.11
N PHE A 5 -3.13 -1.95 -5.69
CA PHE A 5 -3.64 -1.46 -4.42
C PHE A 5 -2.94 -2.14 -3.25
N ASN A 6 -2.61 -3.42 -3.40
CA ASN A 6 -1.84 -4.12 -2.36
C ASN A 6 -0.51 -3.43 -2.15
N ARG A 7 0.06 -2.94 -3.24
CA ARG A 7 1.31 -2.25 -3.18
C ARG A 7 1.12 -0.90 -2.49
N ILE A 8 -0.05 -0.30 -2.72
CA ILE A 8 -0.41 0.96 -2.09
C ILE A 8 -0.58 0.77 -0.58
N ILE A 9 -0.98 -0.44 -0.17
CA ILE A 9 -1.18 -0.72 1.25
C ILE A 9 0.12 -0.52 2.01
N ARG A 10 1.22 -0.93 1.41
CA ARG A 10 2.54 -0.75 2.02
C ARG A 10 3.07 0.65 1.76
N LYS A 11 2.60 1.27 0.69
CA LYS A 11 2.96 2.65 0.39
C LYS A 11 2.36 3.56 1.46
N VAL A 12 1.14 3.25 1.86
CA VAL A 12 0.46 4.00 2.89
C VAL A 12 0.91 3.56 4.29
N VAL A 13 1.40 2.34 4.40
CA VAL A 13 1.84 1.81 5.67
C VAL A 13 3.07 2.57 6.12
N LYS A 14 3.73 3.14 5.13
CA LYS A 14 4.89 3.97 5.32
C LYS A 14 4.51 5.30 5.97
N LEU A 15 3.33 5.81 5.66
CA LEU A 15 2.85 7.03 6.28
C LEU A 15 2.08 6.69 7.54
N PHE A 16 1.67 5.44 7.67
CA PHE A 16 0.94 4.98 8.84
C PHE A 16 1.91 4.74 9.99
N ASN A 17 3.01 4.07 9.70
CA ASN A 17 4.06 3.81 10.69
C ASN A 17 5.15 4.86 10.58
N LEU A 1 -6.82 -4.70 -10.00
CA LEU A 1 -6.82 -3.57 -9.05
C LEU A 1 -5.89 -3.85 -7.87
N MET A 2 -5.87 -5.09 -7.41
CA MET A 2 -5.05 -5.48 -6.26
C MET A 2 -3.57 -5.32 -6.57
N GLY A 3 -3.21 -5.49 -7.84
CA GLY A 3 -1.83 -5.29 -8.27
C GLY A 3 -1.32 -3.91 -7.92
N LEU A 4 -2.23 -2.95 -7.90
CA LEU A 4 -1.90 -1.59 -7.47
C LEU A 4 -2.11 -1.50 -5.97
N PHE A 5 -3.32 -1.85 -5.57
CA PHE A 5 -3.81 -1.61 -4.23
C PHE A 5 -2.93 -2.24 -3.16
N ASN A 6 -2.51 -3.48 -3.37
CA ASN A 6 -1.71 -4.19 -2.36
C ASN A 6 -0.42 -3.44 -2.06
N ARG A 7 0.27 -3.00 -3.11
CA ARG A 7 1.52 -2.28 -2.91
C ARG A 7 1.24 -0.88 -2.39
N ILE A 8 0.03 -0.38 -2.67
CA ILE A 8 -0.41 0.90 -2.12
C ILE A 8 -0.57 0.77 -0.61
N ILE A 9 -1.10 -0.36 -0.15
CA ILE A 9 -1.26 -0.60 1.28
C ILE A 9 0.09 -0.45 1.98
N ARG A 10 1.10 -1.03 1.37
CA ARG A 10 2.45 -0.98 1.92
C ARG A 10 3.03 0.42 1.79
N LYS A 11 2.64 1.11 0.72
CA LYS A 11 3.11 2.46 0.46
C LYS A 11 2.50 3.42 1.47
N VAL A 12 1.25 3.14 1.82
CA VAL A 12 0.52 3.92 2.81
C VAL A 12 0.98 3.54 4.23
N VAL A 13 1.46 2.32 4.39
CA VAL A 13 1.87 1.85 5.69
C VAL A 13 3.10 2.62 6.12
N LYS A 14 3.76 3.17 5.13
CA LYS A 14 4.90 4.03 5.33
C LYS A 14 4.49 5.34 5.98
N LEU A 15 3.30 5.85 5.64
CA LEU A 15 2.81 7.07 6.26
C LEU A 15 2.00 6.73 7.51
N PHE A 16 1.56 5.48 7.59
CA PHE A 16 0.79 5.00 8.73
C PHE A 16 1.71 4.75 9.91
N ASN A 17 2.83 4.09 9.64
CA ASN A 17 3.81 3.76 10.68
C ASN A 17 4.84 4.87 10.81
N LEU A 1 -7.93 -4.99 -8.94
CA LEU A 1 -6.56 -5.51 -9.20
C LEU A 1 -5.67 -5.26 -8.00
N MET A 2 -5.33 -6.33 -7.29
CA MET A 2 -4.56 -6.23 -6.05
C MET A 2 -3.13 -5.79 -6.32
N GLY A 3 -2.67 -5.95 -7.56
CA GLY A 3 -1.32 -5.55 -7.93
C GLY A 3 -1.02 -4.11 -7.56
N LEU A 4 -1.99 -3.24 -7.80
CA LEU A 4 -1.85 -1.83 -7.47
C LEU A 4 -2.11 -1.63 -5.99
N PHE A 5 -3.28 -2.08 -5.57
CA PHE A 5 -3.85 -1.77 -4.28
C PHE A 5 -2.96 -2.28 -3.14
N ASN A 6 -2.50 -3.52 -3.24
CA ASN A 6 -1.63 -4.11 -2.23
C ASN A 6 -0.36 -3.29 -2.08
N ARG A 7 0.16 -2.86 -3.22
CA ARG A 7 1.36 -2.06 -3.25
C ARG A 7 1.09 -0.70 -2.61
N ILE A 8 -0.13 -0.20 -2.81
CA ILE A 8 -0.57 1.05 -2.21
C ILE A 8 -0.64 0.92 -0.70
N ILE A 9 -1.14 -0.22 -0.22
CA ILE A 9 -1.27 -0.45 1.21
C ILE A 9 0.07 -0.27 1.90
N ARG A 10 1.10 -0.85 1.30
CA ARG A 10 2.43 -0.78 1.85
C ARG A 10 3.01 0.62 1.73
N LYS A 11 2.64 1.32 0.65
CA LYS A 11 3.15 2.66 0.42
C LYS A 11 2.51 3.63 1.42
N VAL A 12 1.28 3.32 1.79
CA VAL A 12 0.56 4.11 2.78
C VAL A 12 0.97 3.69 4.19
N VAL A 13 1.33 2.43 4.35
CA VAL A 13 1.71 1.92 5.66
C VAL A 13 2.98 2.59 6.11
N LYS A 14 3.70 3.10 5.13
CA LYS A 14 4.89 3.88 5.35
C LYS A 14 4.57 5.20 6.03
N LEU A 15 3.40 5.79 5.73
CA LEU A 15 2.99 7.01 6.39
C LEU A 15 2.17 6.68 7.63
N PHE A 16 1.68 5.45 7.67
CA PHE A 16 0.85 4.97 8.76
C PHE A 16 1.72 4.64 9.97
N ASN A 17 2.83 3.95 9.72
CA ASN A 17 3.76 3.57 10.77
C ASN A 17 4.70 4.72 11.11
N LEU A 1 -4.45 -7.38 -10.95
CA LEU A 1 -5.71 -6.69 -10.58
C LEU A 1 -5.52 -5.87 -9.31
N MET A 2 -5.26 -6.54 -8.20
CA MET A 2 -5.12 -5.88 -6.92
C MET A 2 -3.66 -5.56 -6.62
N GLY A 3 -2.79 -5.82 -7.60
CA GLY A 3 -1.37 -5.57 -7.41
C GLY A 3 -1.07 -4.11 -7.14
N LEU A 4 -1.88 -3.24 -7.74
CA LEU A 4 -1.76 -1.80 -7.50
C LEU A 4 -2.07 -1.51 -6.04
N PHE A 5 -3.27 -1.90 -5.66
CA PHE A 5 -3.85 -1.57 -4.38
C PHE A 5 -3.04 -2.19 -3.24
N ASN A 6 -2.65 -3.46 -3.39
CA ASN A 6 -1.85 -4.14 -2.39
C ASN A 6 -0.54 -3.41 -2.14
N ARG A 7 0.06 -2.95 -3.23
CA ARG A 7 1.30 -2.23 -3.14
C ARG A 7 1.06 -0.87 -2.47
N ILE A 8 -0.12 -0.30 -2.71
CA ILE A 8 -0.51 0.95 -2.08
C ILE A 8 -0.63 0.78 -0.57
N ILE A 9 -1.05 -0.41 -0.14
CA ILE A 9 -1.24 -0.66 1.28
C ILE A 9 0.08 -0.52 2.02
N ARG A 10 1.16 -0.89 1.34
CA ARG A 10 2.47 -0.83 1.93
C ARG A 10 3.07 0.56 1.75
N LYS A 11 2.63 1.23 0.69
CA LYS A 11 3.06 2.59 0.40
C LYS A 11 2.45 3.54 1.42
N VAL A 12 1.23 3.23 1.83
CA VAL A 12 0.54 4.01 2.84
C VAL A 12 0.99 3.61 4.24
N VAL A 13 1.43 2.37 4.39
CA VAL A 13 1.83 1.87 5.70
C VAL A 13 3.06 2.62 6.15
N LYS A 14 3.76 3.15 5.17
CA LYS A 14 4.92 3.98 5.38
C LYS A 14 4.54 5.29 6.06
N LEU A 15 3.38 5.85 5.72
CA LEU A 15 2.92 7.06 6.37
C LEU A 15 2.12 6.71 7.60
N PHE A 16 1.63 5.46 7.64
CA PHE A 16 0.85 4.97 8.76
C PHE A 16 1.74 4.74 9.97
N ASN A 17 2.88 4.10 9.74
CA ASN A 17 3.82 3.81 10.80
C ASN A 17 4.68 5.03 11.09
#